data_7H5T
#
_entry.id   7H5T
#
_cell.length_a   45.970
_cell.length_b   74.200
_cell.length_c   53.940
_cell.angle_alpha   90.00
_cell.angle_beta   109.98
_cell.angle_gamma   90.00
#
_symmetry.space_group_name_H-M   'P 1 21 1'
#
loop_
_entity.id
_entity.type
_entity.pdbx_description
1 polymer Endothiapepsin
2 non-polymer 'ACETATE ION'
3 non-polymer 'DIMETHYL SULFOXIDE'
4 non-polymer [4-(trifluoromethyl)phenyl]methanamine
5 water water
#
_entity_poly.entity_id   1
_entity_poly.type   'polypeptide(L)'
_entity_poly.pdbx_seq_one_letter_code
;STGSATTTPIDSLDDAYITPVQIGTPAQTLNLDFDTGSSDLWVFSSETTASEVDGQTIYTPSKSTTAKLLSGATWSISYG
DGSSSSGDVYTDTVSVGGLTVTGQAVESAKKVSSSFTEDSTIDGLLGLAFSTLNTVSPTQQKTFFDNAKASLDSPVFTAD
LGYHAPGTYNFGFIDTTAYTGSITYTAVSTKQGFWEWTSTGYAVGSGTFKSTSIDGIADTGTTLLYLPATVVSAYWAQVS
GAKSSSSVGGYVFPCSATLPSFTFGVGSARIVIPGDYIDFGPISTGSSSCFGGIQSSAGIGINIFGDVALKAAFVVFNGA
TTPTLGFASK
;
_entity_poly.pdbx_strand_id   A
#
loop_
_chem_comp.id
_chem_comp.type
_chem_comp.name
_chem_comp.formula
ACT non-polymer 'ACETATE ION' 'C2 H3 O2 -1'
DMS non-polymer 'DIMETHYL SULFOXIDE' 'C2 H6 O S'
U1H non-polymer [4-(trifluoromethyl)phenyl]methanamine 'C8 H8 F3 N'
#
# COMPACT_ATOMS: atom_id res chain seq x y z
N SER A 1 -15.06 11.71 15.15
CA SER A 1 -15.57 11.41 13.81
C SER A 1 -14.90 10.15 13.25
N THR A 2 -15.55 9.51 12.27
CA THR A 2 -15.03 8.31 11.61
C THR A 2 -15.18 8.42 10.05
N GLY A 3 -14.54 7.51 9.34
CA GLY A 3 -14.62 7.41 7.89
C GLY A 3 -14.56 5.95 7.48
N SER A 4 -15.27 5.57 6.41
CA SER A 4 -15.25 4.19 5.93
C SER A 4 -15.38 4.19 4.42
N ALA A 5 -14.41 3.62 3.72
CA ALA A 5 -14.44 3.55 2.26
C ALA A 5 -14.09 2.18 1.71
N THR A 6 -14.75 1.81 0.61
CA THR A 6 -14.49 0.54 -0.04
C THR A 6 -13.30 0.71 -0.97
N THR A 7 -12.40 -0.26 -0.94
CA THR A 7 -11.21 -0.32 -1.79
C THR A 7 -11.39 -1.51 -2.75
N THR A 8 -11.04 -1.33 -4.02
CA THR A 8 -11.29 -2.30 -5.05
C THR A 8 -10.02 -2.60 -5.85
N PRO A 9 -9.73 -3.87 -6.14
CA PRO A 9 -8.56 -4.20 -6.96
C PRO A 9 -8.69 -3.61 -8.37
N ILE A 10 -7.58 -3.16 -8.94
CA ILE A 10 -7.60 -2.57 -10.28
C ILE A 10 -7.68 -3.61 -11.41
N ASP A 11 -7.31 -4.87 -11.11
CA ASP A 11 -7.31 -5.92 -12.13
C ASP A 11 -7.56 -7.28 -11.48
N SER A 12 -7.57 -8.35 -12.29
CA SER A 12 -7.82 -9.71 -11.82
C SER A 12 -6.67 -10.32 -10.99
N LEU A 13 -5.53 -9.65 -10.93
CA LEU A 13 -4.38 -10.12 -10.17
C LEU A 13 -4.18 -9.41 -8.83
N ASP A 14 -4.99 -8.38 -8.51
CA ASP A 14 -4.87 -7.58 -7.30
C ASP A 14 -3.52 -6.87 -7.33
N ASP A 15 -3.14 -6.31 -8.50
CA ASP A 15 -1.86 -5.60 -8.62
C ASP A 15 -1.80 -4.35 -7.73
N ALA A 16 -2.95 -3.70 -7.52
CA ALA A 16 -3.09 -2.52 -6.69
C ALA A 16 -4.59 -2.35 -6.29
N TYR A 17 -4.86 -1.49 -5.32
CA TYR A 17 -6.22 -1.26 -4.85
C TYR A 17 -6.55 0.26 -4.97
N ILE A 18 -7.75 0.61 -5.46
CA ILE A 18 -8.16 2.01 -5.57
C ILE A 18 -9.34 2.29 -4.62
N THR A 19 -9.36 3.49 -4.06
CA THR A 19 -10.39 3.92 -3.12
C THR A 19 -10.82 5.32 -3.52
N PRO A 20 -12.14 5.54 -3.66
CA PRO A 20 -12.61 6.86 -4.08
C PRO A 20 -12.37 7.95 -3.02
N VAL A 21 -11.89 9.11 -3.47
CA VAL A 21 -11.60 10.24 -2.58
C VAL A 21 -12.23 11.52 -3.13
N GLN A 22 -12.92 12.28 -2.27
CA GLN A 22 -13.53 13.54 -2.71
C GLN A 22 -12.57 14.71 -2.45
N ILE A 23 -12.21 15.43 -3.50
CA ILE A 23 -11.32 16.59 -3.34
C ILE A 23 -12.00 17.85 -3.87
N GLY A 24 -11.90 18.95 -3.13
CA GLY A 24 -12.42 20.25 -3.56
C GLY A 24 -13.89 20.52 -3.29
N THR A 25 -14.33 21.76 -3.63
CA THR A 25 -15.72 22.21 -3.50
C THR A 25 -16.15 22.88 -4.82
N PRO A 26 -17.16 22.35 -5.56
CA PRO A 26 -17.86 21.08 -5.33
C PRO A 26 -16.91 19.88 -5.51
N ALA A 27 -17.23 18.76 -4.88
CA ALA A 27 -16.40 17.56 -4.90
C ALA A 27 -15.99 17.05 -6.28
N GLN A 28 -14.71 16.71 -6.43
CA GLN A 28 -14.19 16.09 -7.64
C GLN A 28 -13.69 14.74 -7.11
N THR A 29 -14.34 13.64 -7.51
CA THR A 29 -13.95 12.31 -7.03
C THR A 29 -12.84 11.71 -7.86
N LEU A 30 -11.73 11.34 -7.21
CA LEU A 30 -10.61 10.67 -7.87
C LEU A 30 -10.39 9.30 -7.17
N ASN A 31 -9.91 8.30 -7.90
CA ASN A 31 -9.65 6.97 -7.33
C ASN A 31 -8.16 6.87 -6.97
N LEU A 32 -7.86 6.91 -5.68
CA LEU A 32 -6.47 6.91 -5.23
C LEU A 32 -5.99 5.56 -4.69
N ASP A 33 -4.67 5.34 -4.83
CA ASP A 33 -3.99 4.17 -4.31
C ASP A 33 -3.53 4.55 -2.90
N PHE A 34 -4.16 3.99 -1.86
CA PHE A 34 -3.78 4.23 -0.47
C PHE A 34 -2.46 3.52 -0.18
N ASP A 35 -1.44 4.31 0.11
CA ASP A 35 -0.10 3.77 0.24
C ASP A 35 0.53 3.98 1.62
N THR A 36 0.62 2.92 2.45
CA THR A 36 1.24 3.06 3.79
C THR A 36 2.79 3.08 3.75
N GLY A 37 3.38 3.01 2.55
CA GLY A 37 4.82 3.09 2.34
C GLY A 37 5.30 4.46 1.87
N SER A 38 4.38 5.44 1.75
CA SER A 38 4.75 6.81 1.33
C SER A 38 3.88 7.84 2.05
N SER A 39 4.22 9.13 1.93
CA SER A 39 3.55 10.16 2.71
C SER A 39 3.14 11.38 1.93
N ASP A 40 2.93 11.24 0.61
CA ASP A 40 2.52 12.35 -0.24
C ASP A 40 1.12 12.08 -0.81
N LEU A 41 0.25 13.10 -0.82
CA LEU A 41 -1.07 12.98 -1.46
C LEU A 41 -0.89 13.71 -2.77
N TRP A 42 -0.69 12.96 -3.85
CA TRP A 42 -0.51 13.56 -5.15
C TRP A 42 -1.54 13.05 -6.15
N VAL A 43 -1.97 13.92 -7.04
CA VAL A 43 -3.00 13.59 -8.02
C VAL A 43 -2.63 14.04 -9.43
N PHE A 44 -3.22 13.36 -10.43
CA PHE A 44 -3.17 13.79 -11.82
C PHE A 44 -4.03 15.08 -11.87
N SER A 45 -3.62 16.09 -12.64
CA SER A 45 -4.34 17.35 -12.66
C SER A 45 -4.39 18.06 -14.02
N SER A 46 -5.14 19.19 -14.09
CA SER A 46 -5.21 20.06 -15.27
C SER A 46 -3.81 20.59 -15.67
N GLU A 47 -2.84 20.61 -14.72
CA GLU A 47 -1.45 21.04 -14.92
C GLU A 47 -0.52 19.93 -15.44
N THR A 48 -0.91 18.65 -15.34
CA THR A 48 -0.06 17.54 -15.80
C THR A 48 0.20 17.65 -17.31
N THR A 49 1.44 17.39 -17.76
CA THR A 49 1.80 17.41 -19.20
C THR A 49 0.83 16.54 -19.99
N ALA A 50 0.07 17.15 -20.92
CA ALA A 50 -0.98 16.51 -21.70
C ALA A 50 -0.64 15.11 -22.25
N SER A 51 0.58 14.94 -22.80
CA SER A 51 1.04 13.66 -23.35
C SER A 51 1.23 12.54 -22.29
N GLU A 52 1.37 12.93 -21.02
CA GLU A 52 1.56 12.00 -19.90
C GLU A 52 0.25 11.60 -19.18
N VAL A 53 -0.90 11.98 -19.74
CA VAL A 53 -2.22 11.65 -19.22
C VAL A 53 -2.87 10.69 -20.22
N ASP A 54 -3.28 9.50 -19.76
CA ASP A 54 -3.92 8.50 -20.63
C ASP A 54 -5.13 7.83 -19.97
N GLY A 55 -6.23 8.58 -19.83
CA GLY A 55 -7.46 8.03 -19.28
C GLY A 55 -7.75 8.32 -17.81
N GLN A 56 -6.79 8.90 -17.08
CA GLN A 56 -7.00 9.21 -15.67
C GLN A 56 -7.96 10.38 -15.50
N THR A 57 -8.66 10.43 -14.36
CA THR A 57 -9.52 11.55 -13.98
C THR A 57 -8.56 12.56 -13.35
N ILE A 58 -8.65 13.82 -13.78
CA ILE A 58 -7.76 14.86 -13.29
C ILE A 58 -8.43 15.79 -12.31
N TYR A 59 -7.63 16.37 -11.41
CA TYR A 59 -8.12 17.34 -10.46
C TYR A 59 -7.93 18.72 -11.11
N THR A 60 -8.95 19.57 -11.05
CA THR A 60 -8.88 20.89 -11.66
C THR A 60 -9.05 21.92 -10.57
N PRO A 61 -7.93 22.47 -10.06
CA PRO A 61 -8.04 23.41 -8.94
C PRO A 61 -8.75 24.70 -9.28
N SER A 62 -8.75 25.11 -10.56
CA SER A 62 -9.46 26.33 -10.95
C SER A 62 -10.99 26.21 -10.78
N LYS A 63 -11.52 24.98 -10.79
CA LYS A 63 -12.95 24.72 -10.58
C LYS A 63 -13.33 24.52 -9.10
N SER A 64 -12.37 24.56 -8.19
CA SER A 64 -12.67 24.36 -6.77
C SER A 64 -12.59 25.70 -6.03
N THR A 65 -13.69 26.08 -5.36
CA THR A 65 -13.76 27.35 -4.63
C THR A 65 -12.94 27.36 -3.34
N THR A 66 -12.53 26.19 -2.84
CA THR A 66 -11.73 26.11 -1.62
C THR A 66 -10.23 25.83 -1.90
N ALA A 67 -9.82 25.68 -3.18
CA ALA A 67 -8.43 25.42 -3.57
C ALA A 67 -7.55 26.69 -3.42
N LYS A 68 -6.40 26.56 -2.72
CA LYS A 68 -5.47 27.69 -2.55
C LYS A 68 -4.09 27.28 -3.01
N LEU A 69 -3.43 28.06 -3.88
CA LEU A 69 -2.06 27.73 -4.32
C LEU A 69 -1.12 28.00 -3.16
N LEU A 70 -0.29 27.01 -2.78
CA LEU A 70 0.68 27.15 -1.70
C LEU A 70 1.89 27.78 -2.37
N SER A 71 2.00 29.10 -2.26
CA SER A 71 3.03 29.91 -2.89
C SER A 71 4.45 29.41 -2.73
N GLY A 72 5.09 29.11 -3.86
CA GLY A 72 6.48 28.66 -3.90
C GLY A 72 6.76 27.21 -3.55
N ALA A 73 5.74 26.45 -3.06
CA ALA A 73 5.97 25.06 -2.68
C ALA A 73 6.04 24.14 -3.87
N THR A 74 7.01 23.22 -3.86
CA THR A 74 7.21 22.21 -4.90
C THR A 74 7.34 20.82 -4.23
N TRP A 75 7.21 19.77 -5.02
CA TRP A 75 7.35 18.40 -4.53
C TRP A 75 7.95 17.54 -5.61
N SER A 76 8.64 16.49 -5.21
CA SER A 76 9.30 15.59 -6.15
C SER A 76 9.48 14.28 -5.44
N ILE A 77 8.98 13.17 -6.00
CA ILE A 77 9.12 11.88 -5.33
C ILE A 77 9.66 10.81 -6.28
N SER A 78 10.54 9.94 -5.75
CA SER A 78 11.10 8.78 -6.44
C SER A 78 10.68 7.57 -5.64
N TYR A 79 10.01 6.61 -6.28
CA TYR A 79 9.57 5.38 -5.64
C TYR A 79 10.60 4.24 -5.84
N GLY A 80 10.49 3.20 -5.00
CA GLY A 80 11.38 2.03 -5.01
C GLY A 80 11.46 1.27 -6.33
N ASP A 81 10.38 1.33 -7.13
CA ASP A 81 10.36 0.66 -8.44
C ASP A 81 10.91 1.54 -9.59
N GLY A 82 11.48 2.69 -9.26
CA GLY A 82 12.00 3.60 -10.27
C GLY A 82 10.95 4.52 -10.88
N SER A 83 9.73 4.55 -10.31
CA SER A 83 8.69 5.46 -10.80
C SER A 83 8.82 6.84 -10.10
N SER A 84 8.33 7.91 -10.74
CA SER A 84 8.48 9.24 -10.16
C SER A 84 7.42 10.24 -10.63
N SER A 85 7.25 11.32 -9.89
CA SER A 85 6.34 12.40 -10.20
C SER A 85 6.78 13.66 -9.44
N SER A 86 6.36 14.81 -9.91
CA SER A 86 6.72 16.09 -9.31
C SER A 86 5.71 17.16 -9.73
N GLY A 87 5.66 18.26 -8.99
CA GLY A 87 4.80 19.37 -9.38
C GLY A 87 4.68 20.48 -8.36
N ASP A 88 3.52 21.14 -8.37
CA ASP A 88 3.26 22.22 -7.42
C ASP A 88 2.20 21.78 -6.38
N VAL A 89 1.92 22.63 -5.39
CA VAL A 89 1.07 22.27 -4.27
C VAL A 89 -0.10 23.19 -4.09
N TYR A 90 -1.27 22.61 -3.85
CA TYR A 90 -2.47 23.33 -3.47
C TYR A 90 -2.91 22.85 -2.08
N THR A 91 -3.75 23.63 -1.41
CA THR A 91 -4.41 23.19 -0.19
C THR A 91 -5.91 23.17 -0.57
N ASP A 92 -6.64 22.14 -0.11
CA ASP A 92 -8.05 21.98 -0.44
C ASP A 92 -8.73 21.07 0.57
N THR A 93 -10.06 20.98 0.49
CA THR A 93 -10.82 20.11 1.37
C THR A 93 -10.77 18.70 0.75
N VAL A 94 -10.49 17.69 1.58
CA VAL A 94 -10.37 16.30 1.12
C VAL A 94 -11.23 15.43 2.04
N SER A 95 -12.13 14.60 1.46
CA SER A 95 -12.94 13.68 2.27
C SER A 95 -12.76 12.23 1.83
N VAL A 96 -12.71 11.32 2.81
CA VAL A 96 -12.60 9.88 2.59
C VAL A 96 -13.73 9.21 3.33
N GLY A 97 -14.69 8.67 2.59
CA GLY A 97 -15.83 7.95 3.15
C GLY A 97 -16.57 8.67 4.25
N GLY A 98 -16.74 9.99 4.08
CA GLY A 98 -17.44 10.82 5.04
C GLY A 98 -16.56 11.58 6.03
N LEU A 99 -15.27 11.26 6.10
CA LEU A 99 -14.35 11.93 7.03
C LEU A 99 -13.68 13.08 6.27
N THR A 100 -13.88 14.32 6.72
CA THR A 100 -13.41 15.51 6.02
C THR A 100 -12.23 16.23 6.67
N VAL A 101 -11.26 16.61 5.85
CA VAL A 101 -10.12 17.39 6.32
C VAL A 101 -10.05 18.66 5.49
N THR A 102 -10.03 19.83 6.13
CA THR A 102 -9.88 21.10 5.40
C THR A 102 -8.40 21.48 5.44
N GLY A 103 -7.92 22.12 4.38
CA GLY A 103 -6.53 22.58 4.34
C GLY A 103 -5.52 21.46 4.17
N GLN A 104 -5.91 20.37 3.50
CA GLN A 104 -5.00 19.26 3.25
C GLN A 104 -4.17 19.64 2.03
N ALA A 105 -2.86 19.40 2.09
CA ALA A 105 -1.99 19.62 0.96
C ALA A 105 -2.29 18.61 -0.16
N VAL A 106 -2.74 19.11 -1.30
CA VAL A 106 -3.01 18.29 -2.47
C VAL A 106 -1.90 18.60 -3.46
N GLU A 107 -1.03 17.63 -3.70
CA GLU A 107 0.12 17.81 -4.57
C GLU A 107 -0.25 17.59 -6.04
N SER A 108 -0.26 18.67 -6.82
CA SER A 108 -0.63 18.61 -8.23
C SER A 108 0.55 18.21 -9.11
N ALA A 109 0.42 17.11 -9.86
CA ALA A 109 1.50 16.63 -10.71
C ALA A 109 1.65 17.41 -11.99
N LYS A 110 2.84 17.94 -12.23
CA LYS A 110 3.19 18.60 -13.47
C LYS A 110 3.82 17.58 -14.42
N LYS A 111 4.61 16.63 -13.88
CA LYS A 111 5.18 15.57 -14.69
C LYS A 111 5.10 14.22 -13.97
N VAL A 112 4.79 13.13 -14.70
CA VAL A 112 4.70 11.77 -14.15
C VAL A 112 5.50 10.78 -15.03
N SER A 113 6.05 9.74 -14.43
CA SER A 113 6.78 8.72 -15.17
C SER A 113 5.80 7.81 -15.93
N SER A 114 6.31 7.13 -16.97
CA SER A 114 5.51 6.27 -17.83
C SER A 114 4.66 5.23 -17.09
N SER A 115 5.16 4.64 -15.98
CA SER A 115 4.38 3.63 -15.25
C SER A 115 3.07 4.18 -14.67
N PHE A 116 3.02 5.50 -14.32
CA PHE A 116 1.77 6.09 -13.85
C PHE A 116 0.85 6.37 -15.06
N THR A 117 1.42 6.87 -16.17
CA THR A 117 0.67 7.14 -17.40
C THR A 117 -0.03 5.88 -17.89
N GLU A 118 0.67 4.73 -17.88
CA GLU A 118 0.17 3.43 -18.32
C GLU A 118 -0.96 2.87 -17.44
N ASP A 119 -0.99 3.20 -16.14
CA ASP A 119 -2.04 2.75 -15.22
C ASP A 119 -3.21 3.75 -15.26
N SER A 120 -4.11 3.62 -16.24
CA SER A 120 -5.26 4.55 -16.38
C SER A 120 -6.27 4.50 -15.24
N THR A 121 -6.28 3.44 -14.44
CA THR A 121 -7.22 3.29 -13.33
C THR A 121 -6.78 3.98 -12.02
N ILE A 122 -5.52 4.43 -11.94
CA ILE A 122 -5.02 5.08 -10.75
C ILE A 122 -4.86 6.59 -10.97
N ASP A 123 -5.67 7.39 -10.27
CA ASP A 123 -5.65 8.85 -10.42
C ASP A 123 -4.65 9.56 -9.51
N GLY A 124 -3.97 8.81 -8.65
CA GLY A 124 -2.99 9.36 -7.74
C GLY A 124 -2.80 8.48 -6.54
N LEU A 125 -1.98 8.98 -5.59
CA LEU A 125 -1.65 8.25 -4.38
C LEU A 125 -2.04 9.04 -3.14
N LEU A 126 -2.44 8.34 -2.09
CA LEU A 126 -2.72 8.96 -0.81
C LEU A 126 -1.78 8.30 0.19
N GLY A 127 -0.72 9.01 0.55
CA GLY A 127 0.32 8.51 1.44
C GLY A 127 -0.13 8.41 2.89
N LEU A 128 0.08 7.23 3.52
CA LEU A 128 -0.30 6.95 4.92
C LEU A 128 0.88 6.52 5.81
N ALA A 129 2.13 6.70 5.36
CA ALA A 129 3.30 6.48 6.21
C ALA A 129 3.46 7.76 7.16
N PHE A 130 4.56 7.90 7.93
CA PHE A 130 4.74 9.03 8.84
C PHE A 130 5.09 10.30 8.04
N SER A 131 4.60 11.47 8.47
CA SER A 131 4.80 12.75 7.76
C SER A 131 6.26 13.19 7.55
N THR A 132 7.22 12.56 8.22
CA THR A 132 8.63 12.86 8.02
C THR A 132 9.12 12.51 6.60
N LEU A 133 8.37 11.65 5.86
CA LEU A 133 8.74 11.28 4.50
C LEU A 133 8.19 12.22 3.42
N ASN A 134 7.27 13.13 3.78
CA ASN A 134 6.66 14.06 2.82
C ASN A 134 7.70 14.87 2.08
N THR A 135 7.58 14.99 0.74
CA THR A 135 8.60 15.64 -0.08
C THR A 135 8.36 17.14 -0.37
N VAL A 136 7.32 17.76 0.22
CA VAL A 136 7.04 19.16 -0.07
C VAL A 136 8.13 20.07 0.47
N SER A 137 8.65 20.91 -0.40
CA SER A 137 9.73 21.82 -0.10
C SER A 137 9.31 23.26 -0.47
N PRO A 138 9.74 24.29 0.30
CA PRO A 138 10.61 24.23 1.48
C PRO A 138 9.91 23.88 2.80
N THR A 139 8.57 23.82 2.79
CA THR A 139 7.82 23.55 4.02
C THR A 139 7.18 22.16 3.95
N GLN A 140 7.68 21.19 4.74
CA GLN A 140 7.11 19.84 4.73
C GLN A 140 5.61 19.86 5.09
N GLN A 141 4.81 18.97 4.49
CA GLN A 141 3.36 18.93 4.73
C GLN A 141 2.94 17.66 5.46
N LYS A 142 1.79 17.70 6.14
CA LYS A 142 1.26 16.55 6.87
C LYS A 142 0.42 15.63 6.00
N THR A 143 0.35 14.34 6.37
CA THR A 143 -0.51 13.40 5.65
C THR A 143 -1.99 13.61 6.04
N PHE A 144 -2.94 13.03 5.25
CA PHE A 144 -4.37 13.05 5.54
C PHE A 144 -4.65 12.47 6.93
N PHE A 145 -4.00 11.33 7.27
CA PHE A 145 -4.18 10.70 8.56
C PHE A 145 -3.74 11.60 9.70
N ASP A 146 -2.57 12.27 9.53
CA ASP A 146 -2.06 13.21 10.54
C ASP A 146 -3.01 14.39 10.78
N ASN A 147 -3.61 14.90 9.71
CA ASN A 147 -4.57 15.99 9.81
C ASN A 147 -5.91 15.55 10.43
N ALA A 148 -6.35 14.31 10.18
CA ALA A 148 -7.62 13.82 10.70
C ALA A 148 -7.54 13.37 12.17
N LYS A 149 -6.34 12.96 12.63
CA LYS A 149 -6.01 12.41 13.96
C LYS A 149 -6.78 13.01 15.16
N ALA A 150 -6.80 14.33 15.30
CA ALA A 150 -7.47 14.98 16.44
C ALA A 150 -9.00 14.84 16.38
N SER A 151 -9.55 14.74 15.16
CA SER A 151 -10.99 14.60 14.98
C SER A 151 -11.46 13.17 15.16
N LEU A 152 -10.60 12.18 14.88
CA LEU A 152 -10.97 10.77 14.96
C LEU A 152 -11.35 10.30 16.35
N ASP A 153 -12.34 9.40 16.46
CA ASP A 153 -12.73 8.86 17.77
C ASP A 153 -11.55 8.14 18.44
N SER A 154 -10.75 7.46 17.62
CA SER A 154 -9.56 6.72 18.03
C SER A 154 -8.48 7.00 16.97
N PRO A 155 -7.20 7.20 17.38
CA PRO A 155 -6.17 7.53 16.38
C PRO A 155 -5.68 6.33 15.56
N VAL A 156 -6.60 5.61 14.89
CA VAL A 156 -6.26 4.44 14.12
C VAL A 156 -6.89 4.43 12.72
N PHE A 157 -6.30 3.65 11.81
CA PHE A 157 -6.93 3.31 10.56
C PHE A 157 -6.74 1.80 10.36
N THR A 158 -7.70 1.14 9.75
CA THR A 158 -7.59 -0.30 9.51
C THR A 158 -7.65 -0.60 8.00
N ALA A 159 -6.91 -1.63 7.58
CA ALA A 159 -6.84 -2.08 6.19
C ALA A 159 -7.36 -3.50 6.17
N ASP A 160 -8.43 -3.75 5.41
CA ASP A 160 -9.02 -5.06 5.24
C ASP A 160 -9.12 -5.27 3.72
N LEU A 161 -8.00 -5.66 3.08
CA LEU A 161 -7.92 -5.89 1.64
C LEU A 161 -8.50 -7.25 1.27
N GLY A 162 -9.26 -7.29 0.19
CA GLY A 162 -9.88 -8.52 -0.26
C GLY A 162 -9.05 -9.30 -1.25
N TYR A 163 -9.22 -10.63 -1.28
CA TYR A 163 -8.53 -11.45 -2.26
C TYR A 163 -9.49 -11.57 -3.45
N HIS A 164 -9.13 -11.00 -4.59
CA HIS A 164 -9.94 -10.94 -5.81
C HIS A 164 -11.33 -10.40 -5.53
N ALA A 165 -11.44 -9.46 -4.58
CA ALA A 165 -12.72 -8.92 -4.15
C ALA A 165 -12.54 -7.55 -3.46
N PRO A 166 -13.62 -6.77 -3.33
CA PRO A 166 -13.51 -5.48 -2.64
C PRO A 166 -13.25 -5.67 -1.13
N GLY A 167 -12.71 -4.62 -0.56
CA GLY A 167 -12.35 -4.55 0.85
C GLY A 167 -12.63 -3.19 1.43
N THR A 168 -12.09 -2.91 2.61
CA THR A 168 -12.40 -1.68 3.32
C THR A 168 -11.22 -1.02 4.03
N TYR A 169 -11.18 0.33 3.98
CA TYR A 169 -10.27 1.13 4.78
C TYR A 169 -11.16 1.91 5.76
N ASN A 170 -10.95 1.72 7.06
CA ASN A 170 -11.73 2.43 8.08
C ASN A 170 -10.84 3.40 8.84
N PHE A 171 -11.36 4.58 9.18
CA PHE A 171 -10.61 5.57 9.92
C PHE A 171 -11.35 5.90 11.21
N GLY A 172 -10.64 5.86 12.33
CA GLY A 172 -11.21 6.23 13.62
C GLY A 172 -11.85 5.15 14.45
N PHE A 173 -11.94 3.91 13.94
CA PHE A 173 -12.59 2.83 14.70
C PHE A 173 -12.16 1.43 14.25
N ILE A 174 -12.33 0.43 15.13
CA ILE A 174 -12.03 -0.96 14.85
C ILE A 174 -13.31 -1.76 14.74
N ASP A 175 -13.61 -2.25 13.55
CA ASP A 175 -14.81 -3.03 13.32
C ASP A 175 -14.58 -4.45 13.87
N THR A 176 -15.18 -4.74 15.03
CA THR A 176 -15.05 -6.03 15.70
C THR A 176 -15.74 -7.18 14.95
N THR A 177 -16.55 -6.90 13.94
CA THR A 177 -17.19 -7.94 13.14
C THR A 177 -16.32 -8.35 11.92
N ALA A 178 -15.28 -7.57 11.60
CA ALA A 178 -14.43 -7.82 10.44
C ALA A 178 -13.37 -8.91 10.61
N TYR A 179 -13.12 -9.38 11.84
CA TYR A 179 -12.06 -10.37 12.06
C TYR A 179 -12.47 -11.53 13.01
N THR A 180 -11.64 -12.58 13.08
CA THR A 180 -11.87 -13.69 13.99
C THR A 180 -10.78 -13.68 15.09
N GLY A 181 -11.08 -14.26 16.23
CA GLY A 181 -10.16 -14.35 17.36
C GLY A 181 -9.75 -13.00 17.93
N SER A 182 -8.47 -12.85 18.26
CA SER A 182 -7.95 -11.64 18.86
C SER A 182 -7.02 -10.91 17.94
N ILE A 183 -6.85 -9.59 18.17
CA ILE A 183 -5.87 -8.81 17.45
C ILE A 183 -4.55 -8.89 18.26
N THR A 184 -3.45 -9.25 17.62
CA THR A 184 -2.15 -9.26 18.28
C THR A 184 -1.43 -7.99 17.89
N TYR A 185 -1.03 -7.17 18.87
CA TYR A 185 -0.30 -5.93 18.56
C TYR A 185 1.19 -6.11 18.71
N THR A 186 1.95 -5.43 17.86
CA THR A 186 3.39 -5.52 17.85
C THR A 186 3.99 -4.10 17.73
N ALA A 187 5.19 -3.89 18.28
CA ALA A 187 5.86 -2.60 18.29
C ALA A 187 6.21 -2.09 16.90
N VAL A 188 6.15 -0.77 16.73
CA VAL A 188 6.52 -0.11 15.50
C VAL A 188 7.71 0.82 15.73
N SER A 189 8.63 0.85 14.78
CA SER A 189 9.75 1.76 14.77
C SER A 189 9.48 2.81 13.69
N THR A 190 9.50 4.09 14.07
CA THR A 190 9.26 5.18 13.12
C THR A 190 10.56 5.84 12.61
N LYS A 191 11.74 5.33 13.03
CA LYS A 191 13.04 5.90 12.69
C LYS A 191 13.24 6.16 11.18
N GLN A 192 12.78 5.24 10.30
CA GLN A 192 12.92 5.48 8.85
C GLN A 192 11.65 6.14 8.22
N GLY A 193 10.61 6.39 9.02
CA GLY A 193 9.36 6.98 8.57
C GLY A 193 8.32 5.99 8.09
N PHE A 194 8.59 4.69 8.24
CA PHE A 194 7.66 3.65 7.80
C PHE A 194 6.95 2.98 8.98
N TRP A 195 5.90 2.18 8.69
CA TRP A 195 5.24 1.35 9.68
C TRP A 195 6.13 0.11 9.74
N GLU A 196 7.28 0.22 10.42
CA GLU A 196 8.27 -0.82 10.50
C GLU A 196 8.09 -1.69 11.73
N TRP A 197 8.08 -3.01 11.57
CA TRP A 197 7.86 -3.93 12.69
C TRP A 197 8.72 -5.19 12.55
N THR A 198 8.73 -6.06 13.59
CA THR A 198 9.53 -7.28 13.53
C THR A 198 8.71 -8.55 13.59
N SER A 199 8.70 -9.33 12.52
CA SER A 199 7.99 -10.61 12.46
C SER A 199 8.80 -11.66 13.22
N THR A 200 8.12 -12.60 13.90
CA THR A 200 8.82 -13.57 14.76
C THR A 200 9.21 -14.88 14.09
N GLY A 201 8.96 -15.02 12.79
CA GLY A 201 9.33 -16.22 12.08
C GLY A 201 8.41 -16.59 10.93
N TYR A 202 8.58 -17.82 10.45
CA TYR A 202 7.83 -18.28 9.31
C TYR A 202 7.72 -19.81 9.24
N ALA A 203 6.81 -20.28 8.41
CA ALA A 203 6.66 -21.71 8.12
C ALA A 203 6.27 -21.83 6.63
N VAL A 204 6.71 -22.88 5.96
CA VAL A 204 6.31 -23.13 4.57
C VAL A 204 5.38 -24.33 4.60
N GLY A 205 4.16 -24.17 4.08
CA GLY A 205 3.13 -25.21 4.08
C GLY A 205 2.85 -25.74 5.47
N SER A 206 2.87 -27.06 5.63
CA SER A 206 2.66 -27.67 6.95
C SER A 206 3.98 -27.99 7.68
N GLY A 207 5.07 -27.32 7.29
CA GLY A 207 6.39 -27.49 7.89
C GLY A 207 6.51 -26.91 9.28
N THR A 208 7.64 -27.14 9.91
CA THR A 208 7.93 -26.64 11.26
C THR A 208 8.10 -25.11 11.22
N PHE A 209 7.63 -24.42 12.26
CA PHE A 209 7.79 -22.99 12.35
C PHE A 209 9.23 -22.66 12.72
N LYS A 210 9.83 -21.74 11.99
CA LYS A 210 11.20 -21.31 12.21
C LYS A 210 11.18 -19.95 12.90
N SER A 211 11.57 -19.89 14.18
CA SER A 211 11.60 -18.63 14.93
C SER A 211 12.84 -17.86 14.52
N THR A 212 12.63 -16.71 13.89
CA THR A 212 13.70 -15.85 13.41
C THR A 212 13.15 -14.43 13.24
N SER A 213 13.93 -13.43 13.59
CA SER A 213 13.50 -12.03 13.49
C SER A 213 13.63 -11.51 12.07
N ILE A 214 12.49 -11.08 11.51
CA ILE A 214 12.45 -10.49 10.18
C ILE A 214 11.93 -9.07 10.32
N ASP A 215 12.80 -8.07 10.17
CA ASP A 215 12.40 -6.67 10.22
C ASP A 215 11.88 -6.27 8.85
N GLY A 216 10.67 -5.73 8.81
CA GLY A 216 10.06 -5.32 7.56
C GLY A 216 9.03 -4.22 7.72
N ILE A 217 8.45 -3.77 6.59
CA ILE A 217 7.46 -2.70 6.64
C ILE A 217 6.07 -3.15 6.17
N ALA A 218 5.03 -2.65 6.81
CA ALA A 218 3.66 -2.96 6.38
C ALA A 218 3.36 -1.94 5.26
N ASP A 219 3.33 -2.41 4.01
CA ASP A 219 3.17 -1.52 2.86
C ASP A 219 2.00 -1.87 1.94
N THR A 220 0.87 -1.14 2.07
CA THR A 220 -0.27 -1.35 1.21
C THR A 220 0.00 -0.95 -0.27
N GLY A 221 1.04 -0.15 -0.50
CA GLY A 221 1.40 0.32 -1.83
C GLY A 221 2.33 -0.58 -2.62
N THR A 222 2.70 -1.75 -2.06
CA THR A 222 3.57 -2.71 -2.73
C THR A 222 2.74 -3.98 -2.91
N THR A 223 2.74 -4.55 -4.10
CA THR A 223 1.89 -5.70 -4.43
C THR A 223 2.38 -6.99 -3.77
N LEU A 224 3.69 -7.28 -3.88
CA LEU A 224 4.24 -8.54 -3.45
C LEU A 224 4.83 -8.52 -2.04
N LEU A 225 5.22 -9.71 -1.59
CA LEU A 225 5.87 -9.95 -0.32
C LEU A 225 7.37 -10.13 -0.62
N TYR A 226 8.23 -9.22 -0.14
CA TYR A 226 9.69 -9.25 -0.35
C TYR A 226 10.37 -9.65 0.94
N LEU A 227 11.01 -10.85 0.96
CA LEU A 227 11.61 -11.38 2.19
C LEU A 227 13.09 -11.77 1.98
N PRO A 228 13.89 -12.01 3.05
CA PRO A 228 15.31 -12.33 2.83
C PRO A 228 15.50 -13.58 1.96
N ALA A 229 16.60 -13.57 1.20
CA ALA A 229 16.92 -14.63 0.26
C ALA A 229 16.80 -16.05 0.80
N THR A 230 17.23 -16.26 2.09
CA THR A 230 17.18 -17.57 2.73
C THR A 230 15.74 -18.07 2.85
N VAL A 231 14.83 -17.17 3.27
CA VAL A 231 13.42 -17.48 3.45
C VAL A 231 12.74 -17.80 2.11
N VAL A 232 12.99 -16.96 1.10
CA VAL A 232 12.39 -17.12 -0.23
C VAL A 232 12.85 -18.42 -0.91
N SER A 233 14.15 -18.77 -0.77
CA SER A 233 14.70 -20.02 -1.30
C SER A 233 14.02 -21.22 -0.63
N ALA A 234 13.84 -21.19 0.71
CA ALA A 234 13.17 -22.27 1.43
C ALA A 234 11.69 -22.47 0.96
N TYR A 235 11.01 -21.38 0.59
CA TYR A 235 9.62 -21.46 0.11
C TYR A 235 9.59 -22.08 -1.29
N TRP A 236 10.37 -21.53 -2.23
CA TRP A 236 10.34 -22.00 -3.61
C TRP A 236 10.95 -23.38 -3.82
N ALA A 237 11.76 -23.87 -2.86
CA ALA A 237 12.30 -25.24 -2.90
C ALA A 237 11.16 -26.29 -2.74
N GLN A 238 10.01 -25.90 -2.16
CA GLN A 238 8.87 -26.78 -2.01
C GLN A 238 7.95 -26.83 -3.24
N VAL A 239 8.26 -26.06 -4.31
CA VAL A 239 7.45 -26.03 -5.53
C VAL A 239 8.25 -26.69 -6.64
N SER A 240 7.78 -27.85 -7.12
CA SER A 240 8.47 -28.59 -8.16
C SER A 240 8.57 -27.76 -9.46
N GLY A 241 9.78 -27.59 -9.97
CA GLY A 241 10.04 -26.84 -11.20
C GLY A 241 10.24 -25.35 -11.02
N ALA A 242 10.12 -24.83 -9.77
CA ALA A 242 10.32 -23.39 -9.53
C ALA A 242 11.80 -23.02 -9.66
N LYS A 243 12.09 -21.80 -10.10
CA LYS A 243 13.47 -21.34 -10.24
C LYS A 243 13.53 -19.81 -10.32
N SER A 244 14.67 -19.24 -9.96
CA SER A 244 14.87 -17.81 -10.08
C SER A 244 15.34 -17.53 -11.52
N SER A 245 14.69 -16.60 -12.20
CA SER A 245 15.01 -16.27 -13.58
C SER A 245 15.50 -14.81 -13.69
N SER A 246 16.72 -14.60 -14.23
CA SER A 246 17.26 -13.25 -14.36
C SER A 246 16.58 -12.47 -15.50
N SER A 247 16.10 -13.18 -16.54
CA SER A 247 15.40 -12.52 -17.64
C SER A 247 14.03 -12.00 -17.19
N VAL A 248 13.35 -12.74 -16.32
CA VAL A 248 12.06 -12.33 -15.81
C VAL A 248 12.20 -11.35 -14.63
N GLY A 249 13.21 -11.56 -13.81
CA GLY A 249 13.47 -10.70 -12.67
C GLY A 249 12.93 -11.25 -11.38
N GLY A 250 12.99 -12.58 -11.22
CA GLY A 250 12.51 -13.21 -10.00
C GLY A 250 12.15 -14.66 -10.16
N TYR A 251 11.59 -15.23 -9.10
CA TYR A 251 11.12 -16.61 -9.06
C TYR A 251 9.84 -16.80 -9.90
N VAL A 252 9.88 -17.81 -10.76
CA VAL A 252 8.80 -18.27 -11.63
C VAL A 252 8.55 -19.76 -11.33
N PHE A 253 7.35 -20.24 -11.60
CA PHE A 253 6.98 -21.63 -11.31
C PHE A 253 6.05 -22.16 -12.40
N PRO A 254 6.00 -23.49 -12.61
CA PRO A 254 5.07 -24.04 -13.63
C PRO A 254 3.62 -23.68 -13.27
N CYS A 255 2.88 -23.06 -14.20
CA CYS A 255 1.50 -22.64 -13.91
C CYS A 255 0.60 -23.80 -13.41
N SER A 256 0.95 -25.06 -13.68
CA SER A 256 0.15 -26.20 -13.21
C SER A 256 0.47 -26.66 -11.77
N ALA A 257 1.48 -26.06 -11.12
CA ALA A 257 1.84 -26.46 -9.76
C ALA A 257 0.85 -25.94 -8.71
N THR A 258 0.77 -26.63 -7.55
CA THR A 258 -0.05 -26.20 -6.42
C THR A 258 0.92 -25.54 -5.46
N LEU A 259 0.63 -24.31 -5.07
CA LEU A 259 1.53 -23.58 -4.19
C LEU A 259 1.22 -23.87 -2.71
N PRO A 260 2.28 -24.15 -1.93
CA PRO A 260 2.06 -24.30 -0.47
C PRO A 260 1.70 -22.94 0.15
N SER A 261 1.05 -22.97 1.32
CA SER A 261 0.73 -21.75 2.01
C SER A 261 2.04 -21.17 2.66
N PHE A 262 1.98 -19.92 3.13
CA PHE A 262 3.12 -19.32 3.80
C PHE A 262 2.64 -18.72 5.13
N THR A 263 3.27 -19.09 6.24
CA THR A 263 2.87 -18.55 7.56
C THR A 263 3.89 -17.54 8.07
N PHE A 264 3.46 -16.37 8.55
CA PHE A 264 4.38 -15.43 9.19
C PHE A 264 3.94 -15.20 10.66
N GLY A 265 4.89 -15.03 11.56
CA GLY A 265 4.58 -14.83 12.98
C GLY A 265 4.39 -13.39 13.39
N VAL A 266 3.39 -13.12 14.25
CA VAL A 266 3.16 -11.79 14.81
C VAL A 266 3.13 -12.06 16.30
N GLY A 267 4.26 -11.84 16.98
CA GLY A 267 4.41 -12.21 18.39
C GLY A 267 4.26 -13.73 18.49
N SER A 268 3.31 -14.21 19.31
CA SER A 268 3.04 -15.64 19.40
C SER A 268 1.90 -16.12 18.45
N ALA A 269 1.30 -15.20 17.70
CA ALA A 269 0.23 -15.53 16.78
C ALA A 269 0.79 -15.85 15.36
N ARG A 270 -0.02 -16.48 14.51
CA ARG A 270 0.38 -16.87 13.18
C ARG A 270 -0.62 -16.37 12.15
N ILE A 271 -0.12 -15.82 11.05
CA ILE A 271 -0.97 -15.39 9.96
C ILE A 271 -0.68 -16.32 8.81
N VAL A 272 -1.69 -17.04 8.29
CA VAL A 272 -1.45 -17.98 7.20
C VAL A 272 -1.90 -17.37 5.88
N ILE A 273 -0.98 -17.28 4.92
CA ILE A 273 -1.26 -16.79 3.59
C ILE A 273 -1.54 -18.00 2.72
N PRO A 274 -2.76 -18.17 2.20
CA PRO A 274 -3.04 -19.33 1.34
C PRO A 274 -2.19 -19.29 0.07
N GLY A 275 -1.81 -20.47 -0.41
CA GLY A 275 -0.96 -20.61 -1.59
C GLY A 275 -1.52 -19.96 -2.85
N ASP A 276 -2.85 -19.93 -3.02
CA ASP A 276 -3.50 -19.29 -4.17
C ASP A 276 -3.15 -17.77 -4.25
N TYR A 277 -2.96 -17.12 -3.08
CA TYR A 277 -2.60 -15.70 -3.00
C TYR A 277 -1.19 -15.43 -3.58
N ILE A 278 -0.33 -16.44 -3.60
CA ILE A 278 1.04 -16.31 -4.07
C ILE A 278 1.15 -16.50 -5.63
N ASP A 279 0.05 -16.81 -6.32
CA ASP A 279 0.05 -17.00 -7.77
C ASP A 279 -0.23 -15.66 -8.48
N PHE A 280 0.74 -15.16 -9.27
CA PHE A 280 0.52 -13.92 -10.00
C PHE A 280 0.37 -14.13 -11.53
N GLY A 281 -0.03 -15.34 -11.92
CA GLY A 281 -0.36 -15.69 -13.30
C GLY A 281 0.80 -15.76 -14.26
N PRO A 282 0.50 -15.99 -15.54
CA PRO A 282 1.58 -16.11 -16.54
C PRO A 282 2.49 -14.89 -16.68
N ILE A 283 3.80 -15.12 -16.85
CA ILE A 283 4.77 -14.05 -17.04
C ILE A 283 4.46 -13.21 -18.31
N SER A 284 3.85 -13.83 -19.32
CA SER A 284 3.41 -13.23 -20.57
C SER A 284 2.17 -13.99 -21.02
N THR A 285 1.32 -13.36 -21.82
CA THR A 285 0.09 -13.99 -22.33
C THR A 285 0.37 -15.31 -23.05
N GLY A 286 -0.29 -16.37 -22.64
CA GLY A 286 -0.11 -17.69 -23.25
C GLY A 286 1.00 -18.55 -22.66
N SER A 287 1.84 -17.96 -21.81
CA SER A 287 2.95 -18.68 -21.19
C SER A 287 2.51 -19.71 -20.16
N SER A 288 3.25 -20.81 -20.08
CA SER A 288 2.97 -21.84 -19.07
C SER A 288 3.86 -21.66 -17.78
N SER A 289 4.57 -20.53 -17.69
CA SER A 289 5.44 -20.14 -16.61
C SER A 289 4.74 -18.98 -15.90
N CYS A 290 4.52 -19.12 -14.57
CA CYS A 290 3.79 -18.18 -13.73
C CYS A 290 4.70 -17.41 -12.77
N PHE A 291 4.34 -16.15 -12.48
CA PHE A 291 5.12 -15.29 -11.62
C PHE A 291 4.75 -15.46 -10.12
N GLY A 292 5.77 -15.61 -9.28
CA GLY A 292 5.56 -15.78 -7.85
C GLY A 292 5.31 -14.51 -7.05
N GLY A 293 4.46 -14.63 -6.05
CA GLY A 293 4.10 -13.52 -5.17
C GLY A 293 5.07 -13.29 -4.03
N ILE A 294 6.04 -14.21 -3.83
CA ILE A 294 7.08 -14.14 -2.79
C ILE A 294 8.43 -14.03 -3.49
N GLN A 295 9.06 -12.86 -3.36
CA GLN A 295 10.33 -12.57 -4.00
C GLN A 295 11.39 -12.12 -2.98
N SER A 296 12.66 -12.20 -3.37
CA SER A 296 13.76 -11.80 -2.52
C SER A 296 13.88 -10.27 -2.37
N SER A 297 14.24 -9.81 -1.18
CA SER A 297 14.43 -8.39 -0.92
C SER A 297 15.91 -7.96 -1.02
N ALA A 298 16.83 -8.86 -1.40
CA ALA A 298 18.26 -8.57 -1.47
C ALA A 298 18.64 -7.32 -2.29
N GLY A 299 17.98 -7.12 -3.43
CA GLY A 299 18.23 -5.95 -4.26
C GLY A 299 17.58 -4.66 -3.78
N ILE A 300 16.60 -4.75 -2.83
CA ILE A 300 15.83 -3.62 -2.31
C ILE A 300 16.43 -2.99 -1.06
N GLY A 301 16.95 -3.82 -0.17
CA GLY A 301 17.53 -3.33 1.06
C GLY A 301 16.59 -3.31 2.24
N ILE A 302 15.30 -3.56 2.00
CA ILE A 302 14.32 -3.59 3.07
C ILE A 302 13.31 -4.73 2.82
N ASN A 303 12.84 -5.38 3.89
CA ASN A 303 11.83 -6.43 3.73
C ASN A 303 10.43 -5.76 3.67
N ILE A 304 9.60 -6.19 2.70
CA ILE A 304 8.29 -5.57 2.53
C ILE A 304 7.15 -6.55 2.65
N PHE A 305 6.28 -6.32 3.63
CA PHE A 305 5.05 -7.09 3.79
C PHE A 305 4.02 -6.32 2.95
N GLY A 306 3.94 -6.66 1.68
CA GLY A 306 3.04 -6.02 0.73
C GLY A 306 1.63 -6.57 0.76
N ASP A 307 0.83 -6.26 -0.29
CA ASP A 307 -0.58 -6.68 -0.37
C ASP A 307 -0.73 -8.20 -0.21
N VAL A 308 0.22 -9.03 -0.75
CA VAL A 308 0.16 -10.49 -0.61
C VAL A 308 0.00 -10.92 0.87
N ALA A 309 0.77 -10.30 1.79
CA ALA A 309 0.68 -10.65 3.20
C ALA A 309 -0.49 -9.96 3.90
N LEU A 310 -0.64 -8.62 3.72
CA LEU A 310 -1.66 -7.83 4.39
C LEU A 310 -3.08 -8.27 4.05
N LYS A 311 -3.34 -8.68 2.80
CA LYS A 311 -4.67 -9.11 2.41
C LYS A 311 -5.11 -10.41 3.12
N ALA A 312 -4.14 -11.18 3.69
CA ALA A 312 -4.49 -12.39 4.43
C ALA A 312 -4.91 -12.07 5.89
N ALA A 313 -4.85 -10.79 6.31
CA ALA A 313 -5.15 -10.41 7.69
C ALA A 313 -6.02 -9.11 7.79
N PHE A 314 -6.57 -8.84 8.99
CA PHE A 314 -7.22 -7.58 9.31
C PHE A 314 -6.07 -6.82 10.00
N VAL A 315 -5.76 -5.61 9.50
CA VAL A 315 -4.58 -4.89 9.96
C VAL A 315 -4.90 -3.56 10.58
N VAL A 316 -4.48 -3.35 11.82
CA VAL A 316 -4.72 -2.10 12.51
C VAL A 316 -3.45 -1.26 12.52
N PHE A 317 -3.53 -0.03 12.04
CA PHE A 317 -2.41 0.89 12.07
C PHE A 317 -2.77 1.88 13.19
N ASN A 318 -2.21 1.64 14.37
CA ASN A 318 -2.48 2.45 15.53
C ASN A 318 -1.50 3.63 15.59
N GLY A 319 -2.01 4.83 15.34
CA GLY A 319 -1.21 6.03 15.32
C GLY A 319 -1.21 6.77 16.65
N ALA A 320 -1.30 6.04 17.77
CA ALA A 320 -1.20 6.63 19.10
C ALA A 320 0.24 7.17 19.30
N THR A 321 0.52 7.92 20.41
CA THR A 321 1.82 8.52 20.74
C THR A 321 2.97 7.51 20.52
N THR A 322 2.71 6.27 20.90
CA THR A 322 3.63 5.17 20.64
C THR A 322 2.91 4.25 19.66
N PRO A 323 3.27 4.30 18.38
CA PRO A 323 2.55 3.51 17.38
C PRO A 323 2.73 2.00 17.49
N THR A 324 1.70 1.25 17.11
CA THR A 324 1.73 -0.22 17.08
C THR A 324 0.95 -0.72 15.84
N LEU A 325 1.21 -1.95 15.41
CA LEU A 325 0.48 -2.58 14.33
C LEU A 325 -0.26 -3.76 14.93
N GLY A 326 -1.53 -3.90 14.58
CA GLY A 326 -2.32 -5.03 15.04
C GLY A 326 -2.62 -5.96 13.88
N PHE A 327 -2.57 -7.27 14.11
CA PHE A 327 -2.87 -8.25 13.10
C PHE A 327 -3.84 -9.26 13.67
N ALA A 328 -4.88 -9.58 12.91
CA ALA A 328 -5.85 -10.59 13.27
C ALA A 328 -6.16 -11.44 12.06
N SER A 329 -6.51 -12.71 12.29
CA SER A 329 -6.97 -13.58 11.21
C SER A 329 -8.39 -13.16 10.81
N LYS A 330 -8.79 -13.38 9.55
CA LYS A 330 -10.15 -13.03 9.11
C LYS A 330 -10.81 -14.13 8.24
C ACT B . -12.54 -8.82 2.85
O ACT B . -11.65 -9.52 3.41
OXT ACT B . -12.43 -7.90 1.98
CH3 ACT B . -13.95 -9.16 3.28
S DMS C . -19.06 2.34 2.62
O DMS C . -18.61 3.41 1.72
C1 DMS C . -17.57 1.49 3.19
C2 DMS C . -19.48 3.14 4.21
C02 U1H D . 4.18 3.12 -4.50
C03 U1H D . 3.75 2.85 -5.95
C04 U1H D . 2.44 2.55 -6.23
C05 U1H D . 2.06 2.31 -7.55
C06 U1H D . 2.99 2.35 -8.57
C07 U1H D . 2.54 2.12 -10.02
C11 U1H D . 4.30 2.68 -8.27
C12 U1H D . 4.69 2.93 -6.97
F08 U1H D . 1.26 2.57 -10.16
F09 U1H D . 2.61 0.80 -10.35
F10 U1H D . 3.35 2.83 -10.87
N01 U1H D . 4.84 1.95 -3.94
S DMS E . 10.52 1.01 -0.36
O DMS E . 10.26 1.23 -1.79
C1 DMS E . 11.71 2.30 0.13
C2 DMS E . 9.06 1.65 0.53
S DMS F . 4.50 -2.22 -7.01
O DMS F . 4.50 -3.29 -6.01
C1 DMS F . 2.80 -1.60 -7.18
C2 DMS F . 5.21 -0.78 -6.16
S DMS G . 9.90 -2.70 -4.94
O DMS G . 9.50 -1.40 -4.40
C1 DMS G . 9.16 -2.82 -6.59
C2 DMS G . 11.63 -2.52 -5.44
S DMS H . 9.07 7.62 -0.71
O DMS H . 8.54 7.08 0.54
C1 DMS H . 9.72 9.27 -0.32
C2 DMS H . 10.65 6.77 -1.02
S DMS I . -5.21 -0.62 -15.07
O DMS I . -3.90 -0.31 -14.49
C1 DMS I . -5.07 -0.37 -16.86
C2 DMS I . -5.40 -2.43 -15.04
S DMS J . 11.22 -3.14 15.47
O DMS J . 11.29 -2.76 14.06
C1 DMS J . 9.94 -2.11 16.26
C2 DMS J . 12.67 -2.39 16.29
S DMS K . 9.00 3.75 -14.97
O DMS K . 8.18 4.68 -14.19
C1 DMS K . 10.59 4.60 -15.27
C2 DMS K . 9.59 2.50 -13.79
S DMS L . 13.04 10.11 7.98
O DMS L . 12.70 9.46 9.25
C1 DMS L . 14.20 11.44 8.40
C2 DMS L . 14.20 9.00 7.12
S DMS M . -17.43 -5.68 0.96
O DMS M . -16.69 -4.49 1.39
C1 DMS M . -16.38 -7.12 1.36
C2 DMS M . -18.75 -5.97 2.17
S DMS N . -7.86 -15.90 4.38
O DMS N . -8.36 -14.87 5.27
C1 DMS N . -7.28 -17.28 5.42
C2 DMS N . -9.31 -16.73 3.66
S DMS O . 2.45 -3.92 22.78
O DMS O . 3.15 -3.85 21.50
C1 DMS O . 1.37 -2.46 22.87
C2 DMS O . 1.16 -5.19 22.62
S DMS P . -19.43 3.54 13.76
O DMS P . -18.34 3.40 14.72
C1 DMS P . -18.69 3.92 12.14
C2 DMS P . -20.01 1.86 13.36
S DMS Q . -0.69 20.30 -20.06
O DMS Q . 0.29 20.48 -21.14
C1 DMS Q . -0.49 21.69 -18.91
C2 DMS Q . -2.32 20.75 -20.73
S DMS R . 7.09 -16.59 18.82
O DMS R . 5.86 -17.27 18.46
C1 DMS R . 6.97 -16.26 20.60
C2 DMS R . 8.40 -17.85 18.87
S DMS S . -20.16 10.55 0.03
O DMS S . -19.44 9.98 1.17
C1 DMS S . -19.67 12.30 -0.06
C2 DMS S . -19.30 9.97 -1.45
S DMS T . -6.48 0.72 20.80
O DMS T . -7.85 1.22 21.02
C1 DMS T . -6.28 0.54 19.00
C2 DMS T . -5.36 2.13 21.02
S DMS U . 4.71 -28.80 3.67
O DMS U . 3.34 -28.72 3.16
C1 DMS U . 5.06 -30.56 3.95
C2 DMS U . 5.81 -28.53 2.25
S DMS V . 3.59 -6.80 -9.99
O DMS V . 2.39 -6.14 -9.46
C1 DMS V . 4.91 -6.43 -8.82
C2 DMS V . 3.38 -8.57 -9.69
#